data_7GTF
#
_entry.id   7GTF
#
_cell.length_a   90.465
_cell.length_b   90.465
_cell.length_c   106.917
_cell.angle_alpha   90.000
_cell.angle_beta   90.000
_cell.angle_gamma   120.000
#
_symmetry.space_group_name_H-M   'P 31 2 1'
#
loop_
_entity.id
_entity.type
_entity.pdbx_description
1 polymer 'Tyrosine-protein phosphatase non-receptor type 1'
2 non-polymer 2-AMINO-2-HYDROXYMETHYL-PROPANE-1,3-DIOL
3 non-polymer 1,2-benzoxazol-3-ol
4 water water
#
_entity_poly.entity_id   1
_entity_poly.type   'polypeptide(L)'
_entity_poly.pdbx_seq_one_letter_code
;MEMEKEFEQIDKSGSWAAIYQDIRHEASDFPSRVAKLPKNKNRNRYRDVSPFDHSRIKLHQEDNDYINASLIKMEEAQRS
YILTQGPLPNTVGHFWEMVWEQKSRGVVMLNRVMEKGSLKCAQYWPQKEEKEMIFEDTNLKLTLISEDIKSYYTVRQLEL
ENLTTQETREILHFHYTTWPDFGVPESPASFLNFLFKVRESGSLSPEHGPVVVHCSAGIGRSGTFCLADTCLLLMDKRKD
PSSVDIKKVLLEMRKFRMGLIQTADQLRFSYLAVIEGAKFIMGDSSVQDQWKELSHEDLEPPPEHIPPPPRPPKRILEPH
N
;
_entity_poly.pdbx_strand_id   A
#
loop_
_chem_comp.id
_chem_comp.type
_chem_comp.name
_chem_comp.formula
9EW non-polymer 1,2-benzoxazol-3-ol 'C7 H5 N O2'
TRS non-polymer 2-AMINO-2-HYDROXYMETHYL-PROPANE-1,3-DIOL 'C4 H12 N O3 1'
#
# COMPACT_ATOMS: atom_id res chain seq x y z
N MET A 1 -23.33 -13.69 5.38
CA MET A 1 -23.53 -14.37 4.07
C MET A 1 -22.15 -14.70 3.47
N GLU A 2 -21.84 -16.00 3.32
CA GLU A 2 -20.64 -16.49 2.59
C GLU A 2 -20.41 -15.56 1.39
N MET A 3 -19.20 -15.00 1.27
CA MET A 3 -18.87 -13.95 0.27
C MET A 3 -18.87 -14.53 -1.15
N GLU A 4 -18.52 -15.82 -1.31
CA GLU A 4 -18.52 -16.58 -2.59
C GLU A 4 -19.92 -16.63 -3.21
N LYS A 5 -20.96 -16.66 -2.37
CA LYS A 5 -22.37 -16.69 -2.82
C LYS A 5 -22.78 -15.25 -3.12
N GLU A 6 -22.53 -14.33 -2.19
CA GLU A 6 -22.70 -12.87 -2.40
C GLU A 6 -22.08 -12.51 -3.76
N PHE A 7 -20.92 -13.10 -4.10
CA PHE A 7 -20.10 -12.80 -5.30
C PHE A 7 -20.87 -13.18 -6.57
N GLU A 8 -21.34 -14.43 -6.62
CA GLU A 8 -22.09 -15.00 -7.77
C GLU A 8 -23.40 -14.24 -7.94
N GLN A 9 -24.06 -13.87 -6.84
CA GLN A 9 -25.30 -13.04 -6.83
C GLN A 9 -25.01 -11.68 -7.48
N ILE A 10 -23.96 -10.98 -7.07
CA ILE A 10 -23.62 -9.64 -7.65
C ILE A 10 -23.27 -9.85 -9.13
N ASP A 11 -22.54 -10.92 -9.46
CA ASP A 11 -22.04 -11.14 -10.85
C ASP A 11 -23.22 -11.44 -11.77
N LYS A 12 -24.08 -12.40 -11.41
CA LYS A 12 -25.25 -12.77 -12.24
C LYS A 12 -26.16 -11.55 -12.41
N SER A 13 -26.29 -10.71 -11.40
CA SER A 13 -27.14 -9.47 -11.45
C SER A 13 -26.38 -8.32 -12.11
N GLY A 14 -25.05 -8.41 -12.25
CA GLY A 14 -24.21 -7.31 -12.75
C GLY A 14 -24.47 -6.02 -11.97
N SER A 15 -24.35 -6.06 -10.65
CA SER A 15 -24.57 -4.87 -9.78
C SER A 15 -23.27 -4.40 -9.12
N TRP A 16 -22.10 -4.66 -9.71
CA TRP A 16 -20.82 -4.23 -9.11
C TRP A 16 -20.83 -2.71 -8.95
N ALA A 17 -21.22 -1.97 -9.99
CA ALA A 17 -21.26 -0.50 -9.98
C ALA A 17 -22.11 0.03 -8.81
N ALA A 18 -23.21 -0.66 -8.50
CA ALA A 18 -24.20 -0.25 -7.48
C ALA A 18 -23.69 -0.51 -6.06
N ILE A 19 -23.14 -1.70 -5.81
CA ILE A 19 -22.40 -1.98 -4.55
C ILE A 19 -21.34 -0.89 -4.35
N TYR A 20 -20.53 -0.62 -5.39
CA TYR A 20 -19.34 0.26 -5.27
C TYR A 20 -19.83 1.65 -4.84
N GLN A 21 -20.87 2.18 -5.49
CA GLN A 21 -21.41 3.53 -5.21
C GLN A 21 -21.97 3.60 -3.78
N ASP A 22 -22.58 2.52 -3.29
CA ASP A 22 -23.07 2.43 -1.88
C ASP A 22 -21.91 2.66 -0.90
N ILE A 23 -20.76 2.02 -1.13
CA ILE A 23 -19.52 2.22 -0.32
C ILE A 23 -19.10 3.70 -0.40
N ARG A 24 -18.98 4.26 -1.61
CA ARG A 24 -18.59 5.70 -1.77
C ARG A 24 -19.54 6.55 -0.92
N HIS A 25 -20.85 6.30 -0.98
CA HIS A 25 -21.88 7.09 -0.25
C HIS A 25 -21.70 6.99 1.28
N GLU A 26 -21.38 5.81 1.84
CA GLU A 26 -21.30 5.60 3.31
C GLU A 26 -19.90 5.90 3.86
N ALA A 27 -18.90 6.13 3.02
CA ALA A 27 -17.50 6.25 3.46
C ALA A 27 -17.34 7.50 4.34
N SER A 28 -16.44 7.44 5.29
CA SER A 28 -16.11 8.52 6.24
C SER A 28 -15.63 9.76 5.50
N ASP A 29 -15.86 10.94 6.09
CA ASP A 29 -15.30 12.22 5.62
C ASP A 29 -14.73 12.97 6.82
N PHE A 30 -13.43 13.21 6.84
CA PHE A 30 -12.72 13.91 7.93
C PHE A 30 -11.89 15.03 7.32
N PRO A 31 -11.51 16.05 8.11
CA PRO A 31 -10.69 17.14 7.62
C PRO A 31 -9.27 16.71 7.21
N SER A 32 -8.78 17.31 6.11
CA SER A 32 -7.41 17.24 5.52
C SER A 32 -6.81 18.65 5.45
N ARG A 33 -6.82 19.40 6.53
CA ARG A 33 -6.39 20.84 6.49
C ARG A 33 -4.88 20.97 6.25
N VAL A 34 -4.05 20.12 6.84
CA VAL A 34 -2.57 20.26 6.63
C VAL A 34 -2.24 20.03 5.14
N ALA A 35 -2.80 19.00 4.52
CA ALA A 35 -2.54 18.64 3.11
C ALA A 35 -2.83 19.85 2.22
N LYS A 36 -3.81 20.70 2.56
CA LYS A 36 -4.30 21.76 1.64
C LYS A 36 -3.60 23.09 1.92
N LEU A 37 -2.74 23.21 2.93
CA LEU A 37 -1.91 24.44 3.14
C LEU A 37 -1.10 24.72 1.88
N PRO A 38 -0.99 26.01 1.50
CA PRO A 38 -0.24 26.40 0.30
C PRO A 38 1.23 25.97 0.31
N LYS A 39 1.89 25.98 1.47
CA LYS A 39 3.30 25.52 1.61
C LYS A 39 3.44 24.03 1.21
N ASN A 40 2.36 23.25 1.06
CA ASN A 40 2.46 21.79 0.81
C ASN A 40 1.99 21.44 -0.59
N LYS A 41 1.73 22.43 -1.45
CA LYS A 41 1.14 22.14 -2.77
C LYS A 41 2.04 21.22 -3.61
N ASN A 42 3.36 21.43 -3.60
CA ASN A 42 4.28 20.58 -4.39
C ASN A 42 4.62 19.28 -3.63
N ARG A 43 3.97 18.95 -2.51
CA ARG A 43 4.20 17.67 -1.78
C ARG A 43 3.07 16.68 -2.10
N ASN A 44 2.14 17.07 -2.96
CA ASN A 44 0.94 16.27 -3.32
C ASN A 44 0.94 16.02 -4.82
N ARG A 45 0.78 14.78 -5.21
CA ARG A 45 0.78 14.36 -6.63
C ARG A 45 -0.59 14.71 -7.21
N TYR A 46 -1.67 14.37 -6.51
CA TYR A 46 -3.07 14.60 -6.98
C TYR A 46 -3.81 15.53 -6.00
N ARG A 47 -4.50 16.50 -6.57
CA ARG A 47 -5.21 17.58 -5.82
C ARG A 47 -6.39 16.98 -5.03
N ASP A 48 -6.98 15.88 -5.51
CA ASP A 48 -8.17 15.21 -4.92
C ASP A 48 -7.81 13.97 -4.03
N VAL A 49 -6.51 13.72 -3.71
CA VAL A 49 -6.05 12.61 -2.81
C VAL A 49 -5.17 13.19 -1.71
N SER A 50 -5.70 13.23 -0.49
CA SER A 50 -5.08 13.83 0.70
C SER A 50 -5.27 12.91 1.88
N PRO A 51 -4.28 12.87 2.78
CA PRO A 51 -4.40 12.18 4.05
C PRO A 51 -5.23 13.00 5.05
N PHE A 52 -6.10 12.33 5.80
CA PHE A 52 -6.88 12.94 6.90
C PHE A 52 -5.89 13.44 7.93
N ASP A 53 -6.21 14.56 8.58
CA ASP A 53 -5.33 15.07 9.65
C ASP A 53 -5.18 14.04 10.78
N HIS A 54 -6.25 13.36 11.20
CA HIS A 54 -6.22 12.51 12.42
C HIS A 54 -5.24 11.33 12.23
N SER A 55 -5.00 10.89 10.99
CA SER A 55 -4.30 9.61 10.70
C SER A 55 -3.02 9.85 9.85
N ARG A 56 -2.64 11.10 9.56
CA ARG A 56 -1.47 11.37 8.66
C ARG A 56 -0.18 10.98 9.40
N ILE A 57 0.83 10.51 8.65
CA ILE A 57 2.20 10.31 9.20
C ILE A 57 2.89 11.67 9.28
N LYS A 58 3.48 11.99 10.42
CA LYS A 58 4.32 13.21 10.58
C LYS A 58 5.83 12.89 10.46
N LEU A 59 6.51 13.67 9.62
CA LEU A 59 8.00 13.70 9.60
C LEU A 59 8.55 14.34 10.88
N HIS A 60 9.64 13.80 11.43
CA HIS A 60 10.26 14.29 12.70
C HIS A 60 11.23 15.42 12.37
N GLN A 61 10.73 16.51 11.81
CA GLN A 61 11.51 17.78 11.67
C GLN A 61 10.58 18.97 11.92
N GLU A 62 11.15 20.05 12.46
CA GLU A 62 10.42 21.25 12.94
C GLU A 62 10.00 22.10 11.73
N ASP A 63 10.83 22.12 10.69
CA ASP A 63 10.60 22.82 9.40
C ASP A 63 9.14 22.58 8.94
N ASN A 64 8.92 21.50 8.19
CA ASN A 64 7.59 21.10 7.63
C ASN A 64 7.45 19.60 7.84
N ASP A 65 6.43 19.16 8.59
CA ASP A 65 6.32 17.74 9.03
C ASP A 65 5.46 16.97 8.04
N TYR A 66 5.09 17.58 6.92
CA TYR A 66 4.03 17.04 6.03
C TYR A 66 4.59 16.03 5.00
N ILE A 67 3.89 14.89 4.87
CA ILE A 67 4.00 13.93 3.74
C ILE A 67 2.59 13.38 3.41
N ASN A 68 2.32 13.12 2.14
CA ASN A 68 1.07 12.45 1.71
C ASN A 68 1.16 10.95 2.03
N ALA A 69 0.89 10.58 3.30
CA ALA A 69 0.92 9.21 3.88
C ALA A 69 -0.02 9.13 5.10
N SER A 70 -0.63 7.96 5.29
CA SER A 70 -1.67 7.69 6.32
C SER A 70 -1.35 6.36 7.01
N LEU A 71 -1.54 6.32 8.33
CA LEU A 71 -1.42 5.07 9.13
C LEU A 71 -2.77 4.35 9.21
N ILE A 72 -2.94 3.21 8.55
CA ILE A 72 -4.16 2.37 8.65
C ILE A 72 -3.93 1.35 9.80
N LYS A 73 -4.66 1.45 10.93
CA LYS A 73 -4.48 0.56 12.10
C LYS A 73 -5.70 -0.35 12.26
N MET A 74 -5.54 -1.64 12.01
CA MET A 74 -6.66 -2.62 12.03
C MET A 74 -6.60 -3.37 13.38
N GLU A 75 -7.48 -2.98 14.29
CA GLU A 75 -7.42 -3.34 15.73
C GLU A 75 -7.58 -4.86 15.90
N GLU A 76 -8.64 -5.45 15.37
CA GLU A 76 -8.88 -6.91 15.56
C GLU A 76 -7.81 -7.72 14.82
N ALA A 77 -7.52 -7.37 13.56
CA ALA A 77 -6.56 -8.14 12.73
C ALA A 77 -5.16 -8.01 13.35
N GLN A 78 -4.91 -7.00 14.19
CA GLN A 78 -3.54 -6.71 14.73
C GLN A 78 -2.56 -6.50 13.58
N ARG A 79 -2.90 -5.66 12.60
CA ARG A 79 -1.98 -5.24 11.51
C ARG A 79 -2.04 -3.74 11.36
N SER A 80 -0.89 -3.13 11.11
CA SER A 80 -0.76 -1.71 10.68
C SER A 80 -0.14 -1.63 9.27
N TYR A 81 -0.57 -0.68 8.48
CA TYR A 81 0.04 -0.32 7.17
C TYR A 81 0.14 1.19 7.06
N ILE A 82 1.20 1.68 6.41
CA ILE A 82 1.26 3.08 5.92
C ILE A 82 1.00 3.03 4.41
N LEU A 83 -0.03 3.73 3.94
CA LEU A 83 -0.34 3.91 2.50
C LEU A 83 0.06 5.32 2.09
N THR A 84 0.85 5.44 1.01
CA THR A 84 1.44 6.72 0.57
C THR A 84 1.36 6.77 -0.95
N GLN A 85 1.53 7.95 -1.47
CA GLN A 85 1.60 8.17 -2.94
C GLN A 85 3.00 7.75 -3.41
N GLY A 86 3.14 7.45 -4.70
CA GLY A 86 4.44 7.40 -5.39
C GLY A 86 5.24 8.67 -5.13
N PRO A 87 6.48 8.59 -4.65
CA PRO A 87 7.26 9.78 -4.38
C PRO A 87 7.43 10.65 -5.64
N LEU A 88 7.44 11.96 -5.37
CA LEU A 88 7.69 13.03 -6.35
C LEU A 88 9.18 13.37 -6.29
N PRO A 89 9.70 14.03 -7.36
CA PRO A 89 11.08 14.49 -7.38
C PRO A 89 11.47 15.29 -6.13
N ASN A 90 10.58 16.08 -5.57
CA ASN A 90 10.97 16.84 -4.34
C ASN A 90 10.54 16.11 -3.05
N THR A 91 9.95 14.91 -3.10
CA THR A 91 9.58 14.19 -1.84
C THR A 91 10.35 12.87 -1.70
N VAL A 92 11.32 12.57 -2.57
CA VAL A 92 12.11 11.32 -2.44
C VAL A 92 12.83 11.30 -1.09
N GLY A 93 13.40 12.41 -0.64
CA GLY A 93 14.11 12.43 0.65
C GLY A 93 13.14 12.25 1.83
N HIS A 94 11.95 12.85 1.75
CA HIS A 94 10.87 12.72 2.77
C HIS A 94 10.48 11.25 2.89
N PHE A 95 10.31 10.58 1.75
CA PHE A 95 9.88 9.16 1.68
C PHE A 95 10.82 8.29 2.53
N TRP A 96 12.16 8.42 2.33
CA TRP A 96 13.15 7.55 2.98
C TRP A 96 13.28 7.97 4.46
N GLU A 97 13.09 9.25 4.74
CA GLU A 97 13.03 9.74 6.14
C GLU A 97 11.88 9.01 6.88
N MET A 98 10.71 8.94 6.25
CA MET A 98 9.54 8.28 6.84
C MET A 98 9.90 6.80 7.10
N VAL A 99 10.48 6.11 6.10
CA VAL A 99 10.87 4.67 6.23
C VAL A 99 11.78 4.52 7.45
N TRP A 100 12.75 5.42 7.61
CA TRP A 100 13.70 5.41 8.73
C TRP A 100 12.94 5.63 10.06
N GLU A 101 12.16 6.71 10.15
CA GLU A 101 11.55 7.18 11.42
C GLU A 101 10.53 6.17 11.92
N GLN A 102 9.77 5.54 11.02
CA GLN A 102 8.71 4.55 11.36
C GLN A 102 9.26 3.12 11.53
N LYS A 103 10.56 2.88 11.30
CA LYS A 103 11.22 1.55 11.50
C LYS A 103 10.64 0.48 10.57
N SER A 104 10.16 0.86 9.39
CA SER A 104 9.66 -0.10 8.41
C SER A 104 10.81 -1.03 7.96
N ARG A 105 10.48 -2.28 7.76
CA ARG A 105 11.34 -3.35 7.18
C ARG A 105 11.12 -3.47 5.66
N GLY A 106 9.89 -3.30 5.19
CA GLY A 106 9.49 -3.49 3.78
C GLY A 106 8.86 -2.27 3.15
N VAL A 107 9.09 -2.10 1.85
CA VAL A 107 8.40 -1.16 0.93
C VAL A 107 7.75 -2.06 -0.11
N VAL A 108 6.46 -1.88 -0.36
CA VAL A 108 5.70 -2.57 -1.41
C VAL A 108 5.28 -1.56 -2.50
N MET A 109 5.65 -1.84 -3.74
CA MET A 109 5.45 -0.93 -4.91
C MET A 109 4.62 -1.69 -5.91
N LEU A 110 3.45 -1.14 -6.29
CA LEU A 110 2.46 -1.88 -7.09
C LEU A 110 2.32 -1.26 -8.48
N ASN A 111 3.22 -0.35 -8.85
CA ASN A 111 3.15 0.30 -10.19
C ASN A 111 4.53 0.26 -10.84
N ARG A 112 4.60 0.57 -12.15
CA ARG A 112 5.87 0.81 -12.89
C ARG A 112 6.12 2.32 -12.89
N VAL A 113 7.39 2.73 -12.96
CA VAL A 113 7.80 4.17 -13.04
C VAL A 113 7.11 4.85 -14.24
N MET A 114 6.97 4.16 -15.36
CA MET A 114 6.22 4.70 -16.51
C MET A 114 5.07 3.76 -16.84
N GLU A 115 3.85 4.32 -16.96
CA GLU A 115 2.65 3.57 -17.44
C GLU A 115 1.83 4.50 -18.35
N LYS A 116 1.24 3.93 -19.41
CA LYS A 116 0.44 4.72 -20.37
C LYS A 116 1.29 5.87 -20.94
N GLY A 117 2.60 5.70 -21.08
CA GLY A 117 3.50 6.75 -21.61
C GLY A 117 3.74 7.96 -20.72
N SER A 118 3.40 7.94 -19.43
CA SER A 118 3.60 9.07 -18.47
C SER A 118 4.30 8.58 -17.21
N LEU A 119 4.97 9.48 -16.51
CA LEU A 119 5.69 9.15 -15.27
C LEU A 119 4.68 9.04 -14.11
N LYS A 120 4.62 7.90 -13.43
CA LYS A 120 3.69 7.63 -12.31
C LYS A 120 4.37 7.77 -10.95
N CYS A 121 5.72 7.75 -10.92
CA CYS A 121 6.52 8.11 -9.71
C CYS A 121 8.00 8.19 -10.06
N ALA A 122 8.76 8.86 -9.20
CA ALA A 122 10.20 9.13 -9.34
C ALA A 122 10.94 7.79 -9.27
N GLN A 123 12.10 7.70 -9.93
CA GLN A 123 13.08 6.60 -9.77
C GLN A 123 13.77 6.83 -8.43
N TYR A 124 13.25 6.26 -7.33
CA TYR A 124 13.60 6.64 -5.94
C TYR A 124 14.59 5.63 -5.30
N TRP A 125 14.99 4.57 -6.03
CA TRP A 125 15.98 3.58 -5.54
C TRP A 125 17.10 3.37 -6.58
N PRO A 126 18.33 3.01 -6.15
CA PRO A 126 19.46 2.83 -7.08
C PRO A 126 19.36 1.55 -7.93
N GLN A 127 19.77 1.67 -9.19
CA GLN A 127 19.62 0.59 -10.18
C GLN A 127 20.93 -0.21 -10.29
N LYS A 128 22.05 0.31 -9.77
CA LYS A 128 23.35 -0.39 -9.84
C LYS A 128 24.05 -0.31 -8.50
N GLU A 129 24.67 -1.45 -8.11
CA GLU A 129 25.41 -1.61 -6.83
C GLU A 129 26.34 -0.42 -6.63
N GLU A 130 27.11 -0.11 -7.66
CA GLU A 130 28.23 0.87 -7.49
C GLU A 130 27.77 2.34 -7.68
N LYS A 131 26.48 2.60 -7.91
CA LYS A 131 25.94 3.99 -8.03
C LYS A 131 24.88 4.25 -6.94
N GLU A 132 25.31 4.49 -5.72
CA GLU A 132 24.41 4.68 -4.56
C GLU A 132 23.71 6.06 -4.67
N MET A 133 22.64 6.28 -3.91
CA MET A 133 21.90 7.57 -3.91
C MET A 133 22.14 8.23 -2.56
N ILE A 134 22.27 9.55 -2.58
CA ILE A 134 22.38 10.37 -1.35
C ILE A 134 21.25 11.43 -1.39
N PHE A 135 20.52 11.55 -0.28
CA PHE A 135 19.37 12.49 -0.10
C PHE A 135 19.84 13.56 0.85
N GLU A 136 20.30 14.70 0.30
CA GLU A 136 21.05 15.72 1.09
C GLU A 136 20.08 16.41 2.04
N ASP A 137 18.84 16.65 1.59
CA ASP A 137 17.80 17.31 2.41
C ASP A 137 17.56 16.51 3.70
N THR A 138 17.61 15.17 3.69
CA THR A 138 17.29 14.32 4.89
C THR A 138 18.51 13.53 5.40
N ASN A 139 19.69 13.70 4.80
CA ASN A 139 20.97 13.13 5.35
C ASN A 139 20.90 11.60 5.41
N LEU A 140 20.43 10.96 4.33
CA LEU A 140 20.35 9.49 4.18
C LEU A 140 21.13 9.04 2.93
N LYS A 141 21.66 7.83 2.98
CA LYS A 141 22.33 7.16 1.85
C LYS A 141 21.66 5.81 1.63
N LEU A 142 21.45 5.48 0.36
CA LEU A 142 20.72 4.28 -0.10
C LEU A 142 21.58 3.54 -1.15
N THR A 143 21.84 2.26 -0.89
CA THR A 143 22.70 1.37 -1.72
C THR A 143 21.97 0.10 -2.12
N LEU A 144 22.01 -0.23 -3.42
CA LEU A 144 21.48 -1.54 -3.90
C LEU A 144 22.48 -2.66 -3.50
N ILE A 145 22.02 -3.65 -2.74
CA ILE A 145 22.82 -4.79 -2.20
C ILE A 145 22.62 -5.98 -3.15
N SER A 146 21.39 -6.31 -3.51
CA SER A 146 21.08 -7.47 -4.40
C SER A 146 19.70 -7.25 -5.03
N GLU A 147 19.43 -8.02 -6.08
CA GLU A 147 18.23 -7.92 -6.95
C GLU A 147 17.88 -9.33 -7.41
N ASP A 148 16.62 -9.73 -7.31
CA ASP A 148 16.09 -11.07 -7.70
C ASP A 148 14.85 -10.81 -8.55
N ILE A 149 15.00 -10.94 -9.87
CA ILE A 149 13.97 -10.57 -10.88
C ILE A 149 13.25 -11.85 -11.26
N LYS A 150 11.94 -11.92 -11.03
CA LYS A 150 11.07 -13.07 -11.37
C LYS A 150 10.09 -12.60 -12.42
N SER A 151 9.15 -13.45 -12.83
CA SER A 151 8.23 -13.14 -13.96
C SER A 151 7.20 -12.08 -13.56
N TYR A 152 6.71 -12.08 -12.32
CA TYR A 152 5.57 -11.22 -11.92
C TYR A 152 5.99 -10.12 -10.93
N TYR A 153 7.17 -10.27 -10.31
CA TYR A 153 7.67 -9.35 -9.27
C TYR A 153 9.21 -9.41 -9.21
N THR A 154 9.81 -8.38 -8.60
CA THR A 154 11.26 -8.29 -8.32
C THR A 154 11.42 -7.97 -6.83
N VAL A 155 12.31 -8.68 -6.14
CA VAL A 155 12.71 -8.36 -4.74
C VAL A 155 14.11 -7.79 -4.75
N ARG A 156 14.30 -6.68 -4.07
CA ARG A 156 15.60 -5.99 -3.92
C ARG A 156 15.95 -5.90 -2.44
N GLN A 157 17.21 -6.19 -2.11
CA GLN A 157 17.79 -5.85 -0.80
C GLN A 157 18.48 -4.50 -0.88
N LEU A 158 18.13 -3.56 -0.01
CA LEU A 158 18.69 -2.20 0.00
C LEU A 158 19.31 -2.00 1.37
N GLU A 159 20.28 -1.10 1.45
CA GLU A 159 20.90 -0.63 2.71
C GLU A 159 20.63 0.86 2.85
N LEU A 160 19.95 1.22 3.93
CA LEU A 160 19.62 2.62 4.26
C LEU A 160 20.49 3.02 5.45
N GLU A 161 21.27 4.08 5.25
CA GLU A 161 22.23 4.61 6.23
C GLU A 161 21.81 6.02 6.64
N ASN A 162 21.63 6.21 7.95
CA ASN A 162 21.42 7.52 8.61
C ASN A 162 22.78 8.19 8.76
N LEU A 163 23.13 9.08 7.83
CA LEU A 163 24.50 9.67 7.75
C LEU A 163 24.81 10.45 9.03
N THR A 164 23.78 10.84 9.79
CA THR A 164 23.92 11.61 11.06
C THR A 164 24.52 10.73 12.16
N THR A 165 24.16 9.45 12.22
CA THR A 165 24.51 8.52 13.31
C THR A 165 25.33 7.33 12.79
N GLN A 166 25.33 7.13 11.47
CA GLN A 166 26.05 6.03 10.79
C GLN A 166 25.43 4.67 11.13
N GLU A 167 24.24 4.62 11.74
CA GLU A 167 23.45 3.37 11.78
C GLU A 167 23.01 3.00 10.36
N THR A 168 22.88 1.71 10.08
CA THR A 168 22.38 1.16 8.80
C THR A 168 21.30 0.14 9.11
N ARG A 169 20.35 -0.02 8.19
CA ARG A 169 19.33 -1.08 8.23
C ARG A 169 19.18 -1.66 6.83
N GLU A 170 18.76 -2.90 6.77
CA GLU A 170 18.34 -3.60 5.56
C GLU A 170 16.85 -3.33 5.32
N ILE A 171 16.49 -2.78 4.17
CA ILE A 171 15.09 -2.62 3.68
C ILE A 171 14.89 -3.58 2.52
N LEU A 172 13.80 -4.34 2.54
CA LEU A 172 13.33 -5.15 1.40
C LEU A 172 12.34 -4.37 0.53
N HIS A 173 12.63 -4.25 -0.76
CA HIS A 173 11.76 -3.65 -1.80
C HIS A 173 11.06 -4.75 -2.56
N PHE A 174 9.74 -4.85 -2.40
CA PHE A 174 8.87 -5.79 -3.11
C PHE A 174 8.18 -5.02 -4.21
N HIS A 175 8.51 -5.31 -5.47
CA HIS A 175 8.01 -4.54 -6.63
C HIS A 175 7.16 -5.45 -7.49
N TYR A 176 5.83 -5.26 -7.47
CA TYR A 176 4.91 -6.05 -8.34
C TYR A 176 4.89 -5.36 -9.71
N THR A 177 5.35 -6.03 -10.77
CA THR A 177 5.77 -5.36 -12.04
C THR A 177 4.77 -5.62 -13.17
N THR A 178 3.70 -6.39 -12.97
CA THR A 178 2.84 -6.87 -14.07
C THR A 178 1.37 -6.45 -13.93
N TRP A 179 1.00 -5.52 -13.04
CA TRP A 179 -0.39 -5.00 -13.03
C TRP A 179 -0.63 -4.31 -14.38
N PRO A 180 -1.71 -4.65 -15.12
CA PRO A 180 -1.90 -4.06 -16.46
C PRO A 180 -2.15 -2.54 -16.42
N ASP A 181 -1.72 -1.84 -17.48
CA ASP A 181 -1.95 -0.39 -17.71
C ASP A 181 -3.44 -0.04 -17.54
N PHE A 182 -4.37 -0.85 -18.04
CA PHE A 182 -5.85 -0.65 -17.87
C PHE A 182 -6.48 -1.87 -17.19
N GLY A 183 -7.55 -1.64 -16.42
CA GLY A 183 -8.29 -2.73 -15.73
C GLY A 183 -7.49 -3.38 -14.61
N VAL A 184 -7.72 -4.68 -14.38
CA VAL A 184 -7.18 -5.45 -13.22
C VAL A 184 -6.71 -6.79 -13.77
N PRO A 185 -5.81 -7.51 -13.09
CA PRO A 185 -5.41 -8.85 -13.57
C PRO A 185 -6.64 -9.75 -13.77
N GLU A 186 -6.55 -10.65 -14.75
CA GLU A 186 -7.64 -11.62 -15.07
C GLU A 186 -7.78 -12.65 -13.94
N SER A 187 -6.66 -13.17 -13.42
CA SER A 187 -6.62 -14.06 -12.23
C SER A 187 -5.79 -13.43 -11.12
N PRO A 188 -6.16 -13.69 -9.84
CA PRO A 188 -5.42 -13.15 -8.69
C PRO A 188 -4.24 -14.02 -8.24
N ALA A 189 -4.01 -15.12 -8.94
CA ALA A 189 -2.98 -16.10 -8.55
C ALA A 189 -1.66 -15.36 -8.29
N SER A 190 -1.22 -14.53 -9.23
CA SER A 190 0.12 -13.90 -9.13
C SER A 190 0.13 -12.81 -8.04
N PHE A 191 -0.94 -12.05 -7.90
CA PHE A 191 -1.09 -11.07 -6.77
C PHE A 191 -1.01 -11.79 -5.41
N LEU A 192 -1.73 -12.89 -5.23
CA LEU A 192 -1.73 -13.68 -3.95
C LEU A 192 -0.34 -14.24 -3.69
N ASN A 193 0.30 -14.85 -4.70
CA ASN A 193 1.70 -15.34 -4.59
C ASN A 193 2.62 -14.22 -4.11
N PHE A 194 2.45 -12.99 -4.61
CA PHE A 194 3.25 -11.81 -4.21
C PHE A 194 2.98 -11.48 -2.74
N LEU A 195 1.72 -11.45 -2.35
CA LEU A 195 1.32 -11.14 -0.92
C LEU A 195 2.01 -12.11 0.05
N PHE A 196 2.00 -13.41 -0.27
CA PHE A 196 2.60 -14.48 0.57
C PHE A 196 4.13 -14.32 0.64
N LYS A 197 4.75 -13.80 -0.42
CA LYS A 197 6.21 -13.47 -0.39
C LYS A 197 6.46 -12.32 0.57
N VAL A 198 5.63 -11.28 0.55
CA VAL A 198 5.84 -10.16 1.52
C VAL A 198 5.66 -10.73 2.95
N ARG A 199 4.61 -11.52 3.16
CA ARG A 199 4.33 -12.08 4.52
C ARG A 199 5.54 -12.89 4.99
N GLU A 200 6.04 -13.80 4.14
CA GLU A 200 7.17 -14.70 4.48
C GLU A 200 8.40 -13.91 4.91
N SER A 201 8.58 -12.69 4.42
CA SER A 201 9.78 -11.85 4.68
C SER A 201 9.82 -11.36 6.13
N GLY A 202 8.71 -11.37 6.85
CA GLY A 202 8.59 -10.68 8.15
C GLY A 202 8.20 -9.20 8.03
N SER A 203 8.02 -8.63 6.83
CA SER A 203 7.80 -7.16 6.65
C SER A 203 6.44 -6.72 7.24
N LEU A 204 5.48 -7.65 7.41
CA LEU A 204 4.09 -7.34 7.87
C LEU A 204 3.94 -7.66 9.35
N SER A 205 5.01 -8.07 10.02
CA SER A 205 4.95 -8.66 11.38
C SER A 205 5.19 -7.58 12.45
N PRO A 206 4.63 -7.75 13.67
CA PRO A 206 4.67 -6.71 14.71
C PRO A 206 6.05 -6.41 15.30
N GLU A 207 7.05 -7.24 15.07
CA GLU A 207 8.41 -6.89 15.54
C GLU A 207 9.05 -5.79 14.66
N HIS A 208 8.41 -5.33 13.58
CA HIS A 208 8.91 -4.17 12.79
C HIS A 208 7.87 -3.05 12.87
N GLY A 209 8.25 -1.83 12.53
CA GLY A 209 7.31 -0.78 12.09
C GLY A 209 6.44 -1.24 10.93
N PRO A 210 5.38 -0.46 10.63
CA PRO A 210 4.44 -0.79 9.57
C PRO A 210 5.12 -0.79 8.20
N VAL A 211 4.70 -1.72 7.38
CA VAL A 211 5.05 -1.76 5.93
C VAL A 211 4.60 -0.46 5.24
N VAL A 212 5.42 0.08 4.32
CA VAL A 212 5.05 1.25 3.48
C VAL A 212 4.53 0.70 2.17
N VAL A 213 3.27 0.99 1.82
CA VAL A 213 2.69 0.53 0.52
C VAL A 213 2.28 1.70 -0.38
N HIS A 214 2.61 1.63 -1.68
CA HIS A 214 2.29 2.72 -2.65
C HIS A 214 1.99 2.18 -4.05
N CYS A 215 1.21 2.97 -4.77
CA CYS A 215 1.03 2.83 -6.22
C CYS A 215 1.26 4.25 -6.77
N SER A 216 0.47 4.75 -7.71
CA SER A 216 0.65 6.18 -8.10
C SER A 216 0.00 7.09 -7.04
N ALA A 217 -1.30 6.91 -6.75
CA ALA A 217 -2.02 7.77 -5.76
C ALA A 217 -1.97 7.19 -4.33
N GLY A 218 -1.72 5.89 -4.18
CA GLY A 218 -1.72 5.20 -2.86
C GLY A 218 -3.14 4.91 -2.34
N ILE A 219 -4.11 4.62 -3.20
CA ILE A 219 -5.51 4.33 -2.78
C ILE A 219 -6.08 3.12 -3.54
N GLY A 220 -5.73 2.91 -4.81
CA GLY A 220 -6.35 1.88 -5.67
C GLY A 220 -5.74 0.50 -5.47
N ARG A 221 -4.68 0.22 -6.21
CA ARG A 221 -3.89 -1.04 -6.06
C ARG A 221 -3.44 -1.17 -4.59
N SER A 222 -2.96 -0.11 -3.95
CA SER A 222 -2.53 -0.10 -2.54
C SER A 222 -3.72 -0.58 -1.66
N GLY A 223 -4.93 -0.05 -1.92
CA GLY A 223 -6.14 -0.44 -1.18
C GLY A 223 -6.39 -1.94 -1.25
N THR A 224 -6.31 -2.48 -2.45
CA THR A 224 -6.54 -3.91 -2.77
C THR A 224 -5.55 -4.77 -1.96
N PHE A 225 -4.28 -4.40 -1.93
CA PHE A 225 -3.26 -5.13 -1.15
C PHE A 225 -3.68 -5.24 0.33
N CYS A 226 -3.94 -4.12 1.02
CA CYS A 226 -4.17 -4.23 2.50
C CYS A 226 -5.57 -4.77 2.83
N LEU A 227 -6.59 -4.57 1.99
CA LEU A 227 -7.94 -5.16 2.17
C LEU A 227 -7.81 -6.69 2.11
N ALA A 228 -7.15 -7.23 1.09
CA ALA A 228 -7.00 -8.69 0.94
C ALA A 228 -6.21 -9.26 2.13
N ASP A 229 -5.08 -8.69 2.48
CA ASP A 229 -4.25 -9.18 3.62
C ASP A 229 -5.13 -9.28 4.90
N THR A 230 -5.83 -8.19 5.24
CA THR A 230 -6.61 -8.08 6.49
C THR A 230 -7.76 -9.09 6.45
N CYS A 231 -8.45 -9.23 5.34
CA CYS A 231 -9.61 -10.15 5.25
C CYS A 231 -9.16 -11.62 5.49
N LEU A 232 -8.04 -12.04 4.88
CA LEU A 232 -7.51 -13.41 5.02
C LEU A 232 -7.03 -13.62 6.47
N LEU A 233 -6.42 -12.61 7.08
CA LEU A 233 -5.95 -12.72 8.47
C LEU A 233 -7.18 -12.91 9.40
N LEU A 234 -8.28 -12.20 9.14
CA LEU A 234 -9.50 -12.29 9.99
C LEU A 234 -10.14 -13.68 9.86
N MET A 235 -10.06 -14.27 8.68
CA MET A 235 -10.68 -15.59 8.37
C MET A 235 -9.93 -16.72 9.09
N ASP A 236 -8.73 -16.46 9.60
CA ASP A 236 -7.91 -17.46 10.35
C ASP A 236 -8.12 -17.29 11.86
N LYS A 237 -8.31 -16.05 12.32
CA LYS A 237 -8.39 -15.68 13.77
C LYS A 237 -9.77 -16.11 14.30
N ARG A 238 -10.84 -15.79 13.59
CA ARG A 238 -12.23 -15.88 14.12
C ARG A 238 -12.78 -17.31 13.97
N LYS A 239 -13.70 -17.68 14.84
CA LYS A 239 -14.24 -19.06 14.95
C LYS A 239 -15.15 -19.33 13.76
N ASP A 240 -15.87 -18.31 13.27
CA ASP A 240 -16.68 -18.44 12.02
C ASP A 240 -16.01 -17.64 10.90
N PRO A 241 -15.20 -18.29 10.04
CA PRO A 241 -14.57 -17.62 8.89
C PRO A 241 -15.55 -16.93 7.93
N SER A 242 -16.86 -17.14 8.10
CA SER A 242 -17.92 -16.56 7.23
C SER A 242 -18.52 -15.29 7.86
N SER A 243 -18.03 -14.86 9.02
CA SER A 243 -18.39 -13.56 9.64
C SER A 243 -17.75 -12.41 8.86
N VAL A 244 -16.69 -12.69 8.09
CA VAL A 244 -15.80 -11.64 7.50
C VAL A 244 -16.54 -11.00 6.32
N ASP A 245 -16.93 -9.73 6.50
CA ASP A 245 -17.69 -8.93 5.53
C ASP A 245 -16.71 -7.94 4.88
N ILE A 246 -16.36 -8.19 3.62
CA ILE A 246 -15.29 -7.41 2.94
C ILE A 246 -15.70 -5.91 2.86
N LYS A 247 -16.98 -5.62 2.58
CA LYS A 247 -17.51 -4.23 2.51
C LYS A 247 -17.31 -3.51 3.86
N LYS A 248 -17.57 -4.19 4.98
CA LYS A 248 -17.39 -3.59 6.34
C LYS A 248 -15.91 -3.40 6.63
N VAL A 249 -15.06 -4.34 6.22
CA VAL A 249 -13.59 -4.14 6.42
C VAL A 249 -13.15 -2.92 5.62
N LEU A 250 -13.58 -2.80 4.36
CA LEU A 250 -13.21 -1.66 3.50
C LEU A 250 -13.66 -0.34 4.16
N LEU A 251 -14.91 -0.26 4.66
CA LEU A 251 -15.39 1.01 5.29
C LEU A 251 -14.58 1.32 6.55
N GLU A 252 -14.20 0.31 7.34
CA GLU A 252 -13.28 0.54 8.49
C GLU A 252 -11.93 1.15 8.01
N MET A 253 -11.38 0.63 6.92
CA MET A 253 -10.06 1.10 6.38
C MET A 253 -10.24 2.53 5.86
N ARG A 254 -11.39 2.83 5.26
CA ARG A 254 -11.68 4.19 4.69
C ARG A 254 -11.88 5.21 5.81
N LYS A 255 -11.95 4.80 7.08
CA LYS A 255 -11.88 5.83 8.15
C LYS A 255 -10.48 6.43 8.29
N PHE A 256 -9.45 5.77 7.74
CA PHE A 256 -8.02 6.16 7.93
C PHE A 256 -7.44 6.84 6.69
N ARG A 257 -7.93 6.50 5.49
CA ARG A 257 -7.49 7.14 4.22
C ARG A 257 -8.65 7.11 3.23
N MET A 258 -8.88 8.22 2.50
CA MET A 258 -10.00 8.35 1.53
C MET A 258 -9.72 7.51 0.28
N GLY A 259 -10.78 7.02 -0.37
CA GLY A 259 -10.75 6.55 -1.77
C GLY A 259 -10.24 5.11 -1.95
N LEU A 260 -9.88 4.41 -0.87
CA LEU A 260 -9.33 3.03 -0.97
C LEU A 260 -10.28 2.20 -1.85
N ILE A 261 -9.76 1.69 -2.97
CA ILE A 261 -10.48 0.93 -4.05
C ILE A 261 -11.14 1.97 -4.95
N GLN A 262 -10.59 2.14 -6.16
CA GLN A 262 -10.87 3.34 -7.01
C GLN A 262 -12.00 3.04 -8.02
N THR A 263 -12.31 1.76 -8.28
CA THR A 263 -13.26 1.33 -9.33
C THR A 263 -14.02 0.08 -8.89
N ALA A 264 -15.12 -0.21 -9.59
CA ALA A 264 -15.98 -1.39 -9.35
C ALA A 264 -15.24 -2.66 -9.77
N ASP A 265 -14.32 -2.59 -10.74
CA ASP A 265 -13.46 -3.74 -11.13
C ASP A 265 -12.45 -4.08 -10.04
N GLN A 266 -11.89 -3.07 -9.35
CA GLN A 266 -10.93 -3.29 -8.23
C GLN A 266 -11.68 -3.95 -7.06
N LEU A 267 -12.92 -3.52 -6.81
CA LEU A 267 -13.74 -4.13 -5.72
C LEU A 267 -13.98 -5.61 -6.06
N ARG A 268 -14.35 -5.91 -7.30
CA ARG A 268 -14.60 -7.30 -7.75
C ARG A 268 -13.32 -8.14 -7.65
N PHE A 269 -12.19 -7.60 -8.10
CA PHE A 269 -10.87 -8.28 -8.03
C PHE A 269 -10.53 -8.57 -6.55
N SER A 270 -10.83 -7.66 -5.63
CA SER A 270 -10.57 -7.84 -4.17
C SER A 270 -11.33 -9.07 -3.65
N TYR A 271 -12.62 -9.17 -3.97
CA TYR A 271 -13.44 -10.37 -3.64
C TYR A 271 -12.76 -11.63 -4.17
N LEU A 272 -12.41 -11.63 -5.46
CA LEU A 272 -11.79 -12.82 -6.12
C LEU A 272 -10.52 -13.22 -5.38
N ALA A 273 -9.66 -12.25 -5.05
CA ALA A 273 -8.39 -12.53 -4.34
C ALA A 273 -8.69 -13.19 -2.99
N VAL A 274 -9.65 -12.67 -2.23
CA VAL A 274 -9.94 -13.17 -0.85
C VAL A 274 -10.51 -14.59 -0.95
N ILE A 275 -11.50 -14.78 -1.83
CA ILE A 275 -12.16 -16.10 -2.06
C ILE A 275 -11.09 -17.12 -2.46
N GLU A 276 -10.22 -16.77 -3.39
CA GLU A 276 -9.21 -17.72 -3.88
C GLU A 276 -8.15 -17.94 -2.80
N GLY A 277 -7.72 -16.87 -2.11
CA GLY A 277 -6.72 -17.02 -1.03
C GLY A 277 -7.23 -17.88 0.12
N ALA A 278 -8.54 -17.90 0.41
CA ALA A 278 -9.13 -18.61 1.56
C ALA A 278 -8.91 -20.13 1.37
N LYS A 279 -8.92 -20.58 0.12
CA LYS A 279 -8.70 -22.01 -0.23
C LYS A 279 -7.28 -22.48 0.11
N PHE A 280 -6.39 -21.61 0.61
CA PHE A 280 -5.16 -21.96 1.37
C PHE A 280 -5.42 -21.81 2.89
N ILE A 281 -5.88 -20.63 3.33
CA ILE A 281 -6.09 -20.20 4.76
C ILE A 281 -6.92 -21.26 5.53
N MET A 282 -7.77 -22.05 4.84
CA MET A 282 -8.65 -23.07 5.49
C MET A 282 -8.11 -24.50 5.27
N GLY A 283 -6.80 -24.65 5.07
CA GLY A 283 -6.05 -25.87 5.45
C GLY A 283 -5.45 -26.61 4.27
N ASP A 284 -5.38 -25.98 3.11
CA ASP A 284 -4.98 -26.69 1.87
C ASP A 284 -3.50 -26.38 1.58
C TRS B . -6.15 8.70 16.26
C1 TRS B . -6.79 8.68 14.86
C2 TRS B . -6.71 7.59 17.15
C3 TRS B . -6.37 10.07 16.89
N TRS B . -4.65 8.50 16.14
O1 TRS B . -6.18 7.77 13.95
O2 TRS B . -7.49 6.67 16.41
O3 TRS B . -5.77 11.09 16.07
H11 TRS B . -6.74 9.58 14.48
H12 TRS B . -7.74 8.46 14.95
H21 TRS B . -7.25 7.99 17.86
H22 TRS B . -5.96 7.11 17.57
H31 TRS B . -5.97 10.09 17.78
H32 TRS B . -7.33 10.24 16.98
HN1 TRS B . -4.19 9.04 16.73
HN2 TRS B . -4.36 8.72 15.30
HN3 TRS B . -4.42 7.64 16.31
HO1 TRS B . -6.48 7.61 13.08
HO2 TRS B . -7.52 5.78 16.69
HO3 TRS B . -5.07 10.79 15.69
C4 9EW C . -14.94 -12.27 16.07
C5 9EW C . -15.62 -13.39 15.61
C6 9EW C . -16.72 -13.30 14.72
C7 9EW C . -17.07 -14.70 14.50
N1 9EW C . -16.25 -15.51 15.20
C3 9EW C . -15.42 -11.03 15.61
C1 9EW C . -17.18 -12.06 14.26
C2 9EW C . -16.52 -10.93 14.73
O1 9EW C . -15.36 -14.74 15.88
O2 9EW C . -18.08 -15.07 13.71
H1 9EW C . -14.09 -12.36 16.75
H3 9EW C . -14.93 -10.12 15.96
H4 9EW C . -18.02 -12.01 13.58
H5 9EW C . -16.85 -9.94 14.40
H2 9EW C . -18.87 -14.56 13.97
#